data_5FEW
#
_entry.id   5FEW
#
_cell.length_a   50.990
_cell.length_b   78.970
_cell.length_c   86.270
_cell.angle_alpha   90.00
_cell.angle_beta   90.00
_cell.angle_gamma   90.00
#
_symmetry.space_group_name_H-M   'P 21 21 21'
#
loop_
_entity.id
_entity.type
_entity.pdbx_description
1 polymer '[FeFe] hydrogenase maturase subunit HydE'
2 non-polymer 'IRON/SULFUR CLUSTER'
3 non-polymer 3-[(3-CHOLAMIDOPROPYL)DIMETHYLAMMONIO]-1-PROPANESULFONATE
4 non-polymer 'CHLORIDE ION'
5 non-polymer METHIONINE
6 non-polymer S-adenosyl-L-cysteine
7 non-polymer S-ADENOSYL-L-HOMOCYSTEINE
8 non-polymer '(2R,4R)-2-methyl-1,3-thiazolidine-2,4-dicarboxylic acid'
9 water water
#
_entity_poly.entity_id   1
_entity_poly.type   'polypeptide(L)'
_entity_poly.pdbx_seq_one_letter_code
;MWSHPQFEKASTGREILEKLERREFTREVLKEALSINDRGFNEALFKLADEIRRKYVGDEVHIRAIIEFSNVCRKNCLYC
GLRRDNKNLKRYRMTPEEIVERARLAVQFGAKTIVLQSGEDPYYMPDVISDIVKEIKKMGVAVTLSLGEWPREYYEKWKE
AGADRYLLRHETANPVLHRKLRPDTSFENRLNCLLTLKELGYETGAGSMVGLPGQTIDDLVDDLLFLKEHDFDMVGIGPF
IPHPDTPLANEKKGDFTLTLKMVALTRILLPDSNIPATTAMGTIVPGGREITLRCGANVIMPNWTPSPYRQLYQLYPGKI
SVFEKDTASIPSVMKMIELLGRKPGRDWGGRKRVFETV
;
_entity_poly.pdbx_strand_id   A
#
# COMPACT_ATOMS: atom_id res chain seq x y z
N THR A 12 11.24 -16.32 25.58
CA THR A 12 12.39 -16.34 24.81
C THR A 12 12.06 -16.18 23.29
N GLY A 13 13.01 -15.60 22.58
CA GLY A 13 12.78 -15.38 21.22
C GLY A 13 12.71 -16.65 20.46
N ARG A 14 13.54 -17.65 20.87
CA ARG A 14 13.56 -18.87 20.13
C ARG A 14 12.17 -19.54 20.20
N GLU A 15 11.54 -19.52 21.38
CA GLU A 15 10.22 -20.10 21.48
C GLU A 15 9.12 -19.37 20.67
N ILE A 16 9.18 -18.06 20.59
CA ILE A 16 8.23 -17.29 19.77
C ILE A 16 8.42 -17.61 18.31
N LEU A 17 9.69 -17.75 17.87
CA LEU A 17 9.95 -18.21 16.48
C LEU A 17 9.41 -19.54 16.16
N GLU A 18 9.57 -20.46 17.16
CA GLU A 18 9.02 -21.80 16.97
C GLU A 18 7.54 -21.84 16.82
N LYS A 19 6.90 -21.02 17.64
CA LYS A 19 5.49 -20.94 17.55
C LYS A 19 5.02 -20.29 16.24
N LEU A 20 5.75 -19.25 15.75
CA LEU A 20 5.44 -18.70 14.41
C LEU A 20 5.59 -19.74 13.30
N GLU A 21 6.67 -20.57 13.41
CA GLU A 21 6.93 -21.62 12.41
C GLU A 21 5.86 -22.67 12.37
N ARG A 22 5.26 -22.92 13.54
CA ARG A 22 4.19 -23.96 13.65
C ARG A 22 2.85 -23.31 13.43
N ARG A 23 2.78 -22.02 13.09
CA ARG A 23 1.49 -21.35 12.88
C ARG A 23 0.53 -21.22 14.07
N GLU A 24 1.08 -20.97 15.23
CA GLU A 24 0.33 -20.70 16.51
C GLU A 24 0.26 -19.18 16.69
N PHE A 25 -0.68 -18.58 15.98
CA PHE A 25 -0.81 -17.11 15.86
C PHE A 25 -1.75 -16.51 16.89
N THR A 26 -1.41 -16.69 18.10
CA THR A 26 -2.25 -16.15 19.12
C THR A 26 -1.90 -14.71 19.30
N ARG A 27 -2.77 -13.98 19.98
CA ARG A 27 -2.52 -12.65 20.36
C ARG A 27 -1.23 -12.56 21.14
N GLU A 28 -1.01 -13.44 22.10
CA GLU A 28 0.15 -13.31 22.90
C GLU A 28 1.48 -13.52 22.14
N VAL A 29 1.49 -14.45 21.21
CA VAL A 29 2.71 -14.70 20.41
C VAL A 29 3.00 -13.47 19.53
N LEU A 30 2.00 -12.83 18.95
CA LEU A 30 2.21 -11.61 18.14
C LEU A 30 2.68 -10.49 18.96
N LYS A 31 2.09 -10.27 20.19
CA LYS A 31 2.53 -9.18 21.07
C LYS A 31 3.98 -9.31 21.44
N GLU A 32 4.33 -10.56 21.81
N GLU A 32 4.34 -10.54 21.82
CA GLU A 32 5.71 -10.81 22.21
CA GLU A 32 5.72 -10.83 22.22
C GLU A 32 6.70 -10.63 21.07
C GLU A 32 6.70 -10.63 21.07
N ALA A 33 6.33 -11.04 19.84
CA ALA A 33 7.16 -10.75 18.68
C ALA A 33 7.43 -9.27 18.44
N LEU A 34 6.37 -8.45 18.62
CA LEU A 34 6.47 -7.04 18.44
C LEU A 34 7.16 -6.28 19.57
N SER A 35 7.18 -6.91 20.77
CA SER A 35 7.76 -6.29 21.96
C SER A 35 9.27 -6.60 22.20
N ILE A 36 9.71 -7.73 21.72
CA ILE A 36 11.15 -8.13 21.85
C ILE A 36 11.99 -7.29 20.94
N ASN A 37 13.05 -6.67 21.47
N ASN A 37 13.02 -6.66 21.52
CA ASN A 37 13.89 -5.80 20.64
CA ASN A 37 13.88 -5.73 20.80
C ASN A 37 15.30 -6.34 20.38
C ASN A 37 15.29 -6.31 20.44
N ASP A 38 15.51 -7.54 20.77
CA ASP A 38 16.78 -8.19 20.60
C ASP A 38 17.13 -8.28 19.11
N ARG A 39 18.35 -7.93 18.74
CA ARG A 39 18.79 -8.01 17.38
C ARG A 39 18.73 -9.39 16.79
N GLY A 40 19.21 -10.38 17.52
CA GLY A 40 19.13 -11.73 17.05
C GLY A 40 17.75 -12.21 16.73
N PHE A 41 16.81 -11.95 17.60
CA PHE A 41 15.42 -12.28 17.38
C PHE A 41 14.90 -11.57 16.11
N ASN A 42 15.10 -10.29 16.03
CA ASN A 42 14.60 -9.57 14.89
C ASN A 42 15.15 -10.11 13.58
N GLU A 43 16.45 -10.40 13.54
CA GLU A 43 17.01 -10.92 12.33
C GLU A 43 16.47 -12.29 11.96
N ALA A 44 16.21 -13.14 12.95
CA ALA A 44 15.64 -14.41 12.70
C ALA A 44 14.21 -14.27 12.23
N LEU A 45 13.44 -13.32 12.75
CA LEU A 45 12.08 -13.08 12.31
C LEU A 45 12.08 -12.64 10.80
N PHE A 46 13.04 -11.74 10.47
CA PHE A 46 13.09 -11.27 9.09
C PHE A 46 13.51 -12.41 8.14
N LYS A 47 14.43 -13.27 8.57
N LYS A 47 14.44 -13.27 8.55
CA LYS A 47 14.83 -14.40 7.78
CA LYS A 47 14.82 -14.40 7.77
C LYS A 47 13.64 -15.36 7.58
C LYS A 47 13.64 -15.36 7.57
N LEU A 48 12.84 -15.58 8.61
CA LEU A 48 11.67 -16.41 8.50
C LEU A 48 10.72 -15.88 7.47
N ALA A 49 10.40 -14.57 7.58
CA ALA A 49 9.51 -13.96 6.58
C ALA A 49 10.04 -14.01 5.18
N ASP A 50 11.34 -13.78 5.03
CA ASP A 50 12.00 -13.83 3.71
C ASP A 50 11.84 -15.24 3.09
N GLU A 51 12.04 -16.27 3.92
N GLU A 51 12.05 -16.27 3.91
CA GLU A 51 11.97 -17.62 3.47
CA GLU A 51 11.97 -17.60 3.48
C GLU A 51 10.53 -18.00 3.13
C GLU A 51 10.54 -17.96 3.12
N ILE A 52 9.55 -17.57 3.95
CA ILE A 52 8.14 -17.81 3.63
C ILE A 52 7.77 -17.16 2.31
N ARG A 53 8.20 -15.88 2.16
CA ARG A 53 7.98 -15.19 0.88
C ARG A 53 8.50 -16.05 -0.29
N ARG A 54 9.80 -16.42 -0.19
CA ARG A 54 10.37 -17.16 -1.29
C ARG A 54 9.58 -18.47 -1.60
N LYS A 55 9.24 -19.17 -0.54
CA LYS A 55 8.55 -20.48 -0.74
C LYS A 55 7.16 -20.32 -1.34
N TYR A 56 6.41 -19.31 -0.90
CA TYR A 56 5.02 -19.19 -1.31
C TYR A 56 4.83 -18.33 -2.55
N VAL A 57 5.55 -17.23 -2.68
CA VAL A 57 5.33 -16.30 -3.81
C VAL A 57 6.54 -16.18 -4.71
N GLY A 58 7.63 -16.89 -4.41
CA GLY A 58 8.76 -16.93 -5.32
C GLY A 58 9.55 -15.66 -5.36
N ASP A 59 10.41 -15.60 -6.39
CA ASP A 59 11.38 -14.52 -6.55
C ASP A 59 10.88 -13.37 -7.41
N GLU A 60 9.72 -13.50 -8.04
CA GLU A 60 9.21 -12.41 -8.86
CA GLU A 60 9.14 -12.44 -8.82
C GLU A 60 8.78 -11.25 -7.95
N VAL A 61 9.18 -10.06 -8.38
CA VAL A 61 8.74 -8.83 -7.72
C VAL A 61 7.84 -8.15 -8.71
N HIS A 62 6.57 -7.96 -8.35
CA HIS A 62 5.59 -7.38 -9.26
C HIS A 62 5.64 -5.88 -9.19
N ILE A 63 5.64 -5.29 -10.37
CA ILE A 63 5.76 -3.84 -10.54
C ILE A 63 4.37 -3.27 -10.79
N ARG A 64 3.94 -2.34 -9.95
CA ARG A 64 2.65 -1.65 -10.11
C ARG A 64 2.97 -0.18 -10.37
N ALA A 65 2.69 0.32 -11.55
CA ALA A 65 3.00 1.73 -11.85
C ALA A 65 1.87 2.62 -11.33
N ILE A 66 2.21 3.53 -10.44
N ILE A 66 2.19 3.51 -10.35
CA ILE A 66 1.18 4.36 -9.82
CA ILE A 66 1.20 4.46 -9.74
C ILE A 66 1.12 5.74 -10.45
C ILE A 66 1.12 5.82 -10.42
N ILE A 67 -0.08 6.13 -10.80
CA ILE A 67 -0.37 7.50 -11.33
C ILE A 67 -1.26 8.17 -10.30
N GLU A 68 -0.72 9.19 -9.65
CA GLU A 68 -1.42 9.99 -8.62
C GLU A 68 -2.06 11.14 -9.36
N PHE A 69 -3.29 10.96 -9.82
CA PHE A 69 -3.85 11.78 -10.88
C PHE A 69 -4.52 13.06 -10.40
N SER A 70 -4.80 13.17 -9.12
CA SER A 70 -5.39 14.38 -8.52
C SER A 70 -5.00 14.43 -7.08
N ASN A 71 -4.65 15.61 -6.57
CA ASN A 71 -4.38 15.77 -5.13
C ASN A 71 -5.52 16.56 -4.46
N VAL A 72 -6.67 16.65 -5.10
CA VAL A 72 -7.88 17.26 -4.48
C VAL A 72 -8.47 16.25 -3.53
N CYS A 73 -8.82 16.68 -2.32
CA CYS A 73 -9.50 15.79 -1.40
C CYS A 73 -10.55 16.53 -0.59
N ARG A 74 -11.67 15.84 -0.44
CA ARG A 74 -12.81 16.32 0.38
C ARG A 74 -12.68 15.95 1.86
N LYS A 75 -11.78 15.04 2.23
CA LYS A 75 -11.62 14.60 3.61
C LYS A 75 -10.50 15.39 4.27
N ASN A 76 -10.39 15.22 5.59
CA ASN A 76 -9.54 16.04 6.45
C ASN A 76 -8.70 15.18 7.40
N CYS A 77 -8.25 14.04 6.93
CA CYS A 77 -7.49 13.13 7.77
C CYS A 77 -6.34 13.85 8.43
N LEU A 78 -6.11 13.65 9.75
CA LEU A 78 -5.19 14.47 10.50
C LEU A 78 -3.73 14.35 10.11
N TYR A 79 -3.43 13.14 9.55
CA TYR A 79 -2.04 12.77 9.22
C TYR A 79 -1.61 13.23 7.84
N CYS A 80 -2.58 13.56 6.94
CA CYS A 80 -2.33 13.57 5.51
C CYS A 80 -2.08 14.99 4.98
N GLY A 81 -0.99 15.19 4.22
CA GLY A 81 -0.75 16.44 3.59
C GLY A 81 -1.76 16.92 2.54
N LEU A 82 -2.63 16.03 2.06
CA LEU A 82 -3.64 16.39 1.10
C LEU A 82 -4.97 16.79 1.77
N ARG A 83 -5.00 16.76 3.10
CA ARG A 83 -6.27 17.05 3.81
C ARG A 83 -6.84 18.39 3.34
N ARG A 84 -8.18 18.44 3.37
CA ARG A 84 -8.84 19.64 2.81
C ARG A 84 -8.43 20.94 3.43
N ASP A 85 -8.14 20.90 4.74
CA ASP A 85 -7.75 22.16 5.42
C ASP A 85 -6.37 22.67 5.09
N ASN A 86 -5.58 21.88 4.32
CA ASN A 86 -4.26 22.38 3.95
C ASN A 86 -4.34 23.34 2.79
N LYS A 87 -4.31 24.65 3.11
CA LYS A 87 -4.33 25.70 2.08
C LYS A 87 -2.93 25.91 1.48
N ASN A 88 -1.87 25.34 2.00
CA ASN A 88 -0.52 25.64 1.50
CA ASN A 88 -0.45 25.57 1.55
C ASN A 88 -0.09 24.57 0.48
N LEU A 89 -1.07 24.12 -0.27
CA LEU A 89 -0.78 23.12 -1.33
C LEU A 89 -1.43 23.57 -2.59
N LYS A 90 -0.68 23.57 -3.70
N LYS A 90 -0.65 23.60 -3.66
CA LYS A 90 -1.28 23.77 -5.03
CA LYS A 90 -1.22 23.79 -4.98
C LYS A 90 -1.97 22.46 -5.44
C LYS A 90 -1.94 22.50 -5.38
N ARG A 91 -3.22 22.63 -5.73
CA ARG A 91 -4.01 21.51 -6.13
C ARG A 91 -3.99 21.33 -7.61
N TYR A 92 -4.03 20.06 -8.07
CA TYR A 92 -4.02 19.76 -9.50
C TYR A 92 -4.98 18.62 -9.80
N ARG A 93 -5.35 18.54 -11.07
CA ARG A 93 -6.09 17.44 -11.65
C ARG A 93 -5.57 17.14 -13.02
N MET A 94 -5.18 15.89 -13.30
CA MET A 94 -4.88 15.52 -14.65
C MET A 94 -6.14 15.28 -15.46
N THR A 95 -6.09 15.59 -16.76
CA THR A 95 -7.22 15.31 -17.61
C THR A 95 -7.34 13.85 -17.90
N PRO A 96 -8.51 13.36 -18.24
CA PRO A 96 -8.64 11.94 -18.59
C PRO A 96 -7.71 11.52 -19.68
N GLU A 97 -7.54 12.30 -20.73
N GLU A 97 -7.46 12.34 -20.68
CA GLU A 97 -6.60 11.98 -21.79
CA GLU A 97 -6.50 11.98 -21.75
C GLU A 97 -5.18 11.89 -21.25
C GLU A 97 -5.10 11.89 -21.21
N GLU A 98 -4.73 12.82 -20.39
CA GLU A 98 -3.43 12.74 -19.82
C GLU A 98 -3.26 11.47 -19.06
N ILE A 99 -4.25 11.06 -18.29
CA ILE A 99 -4.13 9.87 -17.46
C ILE A 99 -4.00 8.65 -18.33
N VAL A 100 -4.84 8.52 -19.34
CA VAL A 100 -4.77 7.36 -20.25
C VAL A 100 -3.47 7.32 -20.97
N GLU A 101 -2.97 8.44 -21.47
CA GLU A 101 -1.73 8.42 -22.19
C GLU A 101 -0.57 8.13 -21.32
N ARG A 102 -0.59 8.58 -20.04
CA ARG A 102 0.48 8.29 -19.11
C ARG A 102 0.47 6.80 -18.74
N ALA A 103 -0.72 6.23 -18.60
CA ALA A 103 -0.84 4.79 -18.40
C ALA A 103 -0.26 4.05 -19.61
N ARG A 104 -0.57 4.50 -20.83
CA ARG A 104 -0.04 3.83 -22.00
C ARG A 104 1.48 3.84 -21.99
N LEU A 105 2.08 4.98 -21.58
CA LEU A 105 3.52 5.06 -21.49
C LEU A 105 4.08 4.05 -20.52
N ALA A 106 3.39 3.88 -19.35
CA ALA A 106 3.85 2.87 -18.40
C ALA A 106 3.75 1.46 -18.97
N VAL A 107 2.70 1.15 -19.71
CA VAL A 107 2.60 -0.16 -20.36
C VAL A 107 3.70 -0.31 -21.41
N GLN A 108 4.01 0.73 -22.16
CA GLN A 108 5.13 0.70 -23.06
C GLN A 108 6.46 0.41 -22.37
N PHE A 109 6.60 0.87 -21.14
CA PHE A 109 7.76 0.62 -20.30
C PHE A 109 7.74 -0.73 -19.61
N GLY A 110 6.70 -1.50 -19.78
CA GLY A 110 6.64 -2.87 -19.23
C GLY A 110 5.77 -3.03 -18.01
N ALA A 111 5.06 -2.02 -17.55
CA ALA A 111 4.14 -2.23 -16.39
C ALA A 111 3.01 -3.12 -16.84
N LYS A 112 2.75 -4.09 -15.86
CA LYS A 112 1.64 -5.02 -16.08
CA LYS A 112 1.69 -5.05 -16.01
C LYS A 112 0.43 -4.76 -15.21
N THR A 113 0.57 -3.79 -14.25
CA THR A 113 -0.54 -3.25 -13.47
C THR A 113 -0.38 -1.72 -13.49
N ILE A 114 -1.48 -1.03 -13.67
CA ILE A 114 -1.58 0.43 -13.50
C ILE A 114 -2.42 0.66 -12.25
N VAL A 115 -1.89 1.46 -11.34
CA VAL A 115 -2.59 1.91 -10.14
C VAL A 115 -2.99 3.36 -10.32
N LEU A 116 -4.27 3.63 -10.21
CA LEU A 116 -4.80 5.02 -10.24
C LEU A 116 -5.12 5.43 -8.80
N GLN A 117 -4.44 6.43 -8.29
CA GLN A 117 -4.63 6.89 -6.93
C GLN A 117 -4.91 8.34 -6.95
N SER A 118 -5.74 8.79 -5.99
CA SER A 118 -6.02 10.21 -5.85
C SER A 118 -6.46 10.49 -4.43
N GLY A 119 -6.51 11.80 -4.12
CA GLY A 119 -7.39 12.24 -3.03
C GLY A 119 -8.82 11.85 -3.34
N GLU A 120 -9.72 11.96 -2.36
CA GLU A 120 -11.13 11.78 -2.62
C GLU A 120 -11.67 13.02 -3.34
N ASP A 121 -11.51 13.02 -4.66
CA ASP A 121 -11.81 14.17 -5.52
C ASP A 121 -13.12 13.92 -6.22
N PRO A 122 -14.21 14.59 -5.83
CA PRO A 122 -15.50 14.36 -6.47
C PRO A 122 -15.59 14.48 -8.00
N TYR A 123 -14.70 15.29 -8.56
CA TYR A 123 -14.86 15.62 -9.97
C TYR A 123 -14.99 14.42 -10.88
N TYR A 124 -14.21 13.37 -10.59
CA TYR A 124 -14.09 12.20 -11.47
C TYR A 124 -15.17 11.18 -11.25
N MET A 125 -15.93 11.33 -10.16
CA MET A 125 -16.64 10.17 -9.61
C MET A 125 -18.11 10.13 -9.97
N PRO A 126 -18.68 9.04 -10.50
CA PRO A 126 -17.97 7.81 -10.87
C PRO A 126 -17.58 7.72 -12.34
N ASP A 127 -18.19 8.52 -13.22
CA ASP A 127 -18.16 8.20 -14.65
C ASP A 127 -16.87 8.47 -15.29
N VAL A 128 -16.11 9.49 -14.92
CA VAL A 128 -14.80 9.78 -15.56
C VAL A 128 -13.88 8.61 -15.26
N ILE A 129 -13.86 8.17 -14.01
CA ILE A 129 -13.08 6.99 -13.67
C ILE A 129 -13.44 5.81 -14.54
N SER A 130 -14.74 5.52 -14.67
CA SER A 130 -15.15 4.40 -15.51
C SER A 130 -14.59 4.51 -16.90
N ASP A 131 -14.68 5.69 -17.48
CA ASP A 131 -14.18 5.86 -18.81
C ASP A 131 -12.69 5.62 -18.91
N ILE A 132 -11.90 6.15 -17.97
CA ILE A 132 -10.47 5.93 -17.95
C ILE A 132 -10.13 4.49 -17.80
N VAL A 133 -10.79 3.79 -16.88
CA VAL A 133 -10.55 2.38 -16.64
C VAL A 133 -10.78 1.60 -17.94
N LYS A 134 -11.88 1.88 -18.61
CA LYS A 134 -12.17 1.13 -19.85
C LYS A 134 -11.03 1.33 -20.84
N GLU A 135 -10.53 2.53 -21.00
CA GLU A 135 -9.45 2.76 -21.97
C GLU A 135 -8.18 2.07 -21.61
N ILE A 136 -7.83 2.06 -20.32
CA ILE A 136 -6.62 1.41 -19.89
C ILE A 136 -6.71 -0.10 -20.01
N LYS A 137 -7.90 -0.64 -19.71
CA LYS A 137 -8.09 -2.07 -19.85
C LYS A 137 -7.89 -2.56 -21.25
N LYS A 138 -8.07 -1.74 -22.27
CA LYS A 138 -7.80 -2.14 -23.64
C LYS A 138 -6.35 -2.50 -23.88
N MET A 139 -5.46 -1.99 -23.01
N MET A 139 -5.45 -1.99 -22.99
CA MET A 139 -4.03 -2.18 -23.11
CA MET A 139 -4.00 -2.22 -23.07
C MET A 139 -3.60 -3.54 -22.59
C MET A 139 -3.58 -3.56 -22.53
N GLY A 140 -4.54 -4.35 -22.05
CA GLY A 140 -4.18 -5.74 -21.65
C GLY A 140 -3.37 -5.84 -20.36
N VAL A 141 -3.63 -4.96 -19.42
CA VAL A 141 -3.01 -4.92 -18.11
C VAL A 141 -4.07 -4.92 -17.04
N ALA A 142 -3.60 -5.20 -15.81
CA ALA A 142 -4.46 -5.07 -14.63
C ALA A 142 -4.61 -3.59 -14.26
N VAL A 143 -5.78 -3.28 -13.75
CA VAL A 143 -6.05 -1.94 -13.25
C VAL A 143 -6.43 -2.01 -11.78
N THR A 144 -5.72 -1.26 -10.93
CA THR A 144 -5.99 -1.14 -9.53
C THR A 144 -6.41 0.29 -9.23
N LEU A 145 -7.48 0.45 -8.46
CA LEU A 145 -7.94 1.77 -8.04
C LEU A 145 -7.65 1.98 -6.57
N SER A 146 -7.32 3.24 -6.23
CA SER A 146 -7.09 3.61 -4.83
C SER A 146 -7.62 5.04 -4.66
N LEU A 147 -8.97 5.12 -4.53
CA LEU A 147 -9.71 6.38 -4.65
C LEU A 147 -10.41 6.73 -3.34
N GLY A 148 -10.29 5.90 -2.30
CA GLY A 148 -10.97 6.20 -1.04
C GLY A 148 -12.33 5.54 -0.95
N GLU A 149 -13.14 6.15 -0.05
CA GLU A 149 -14.46 5.65 0.29
C GLU A 149 -15.56 6.29 -0.57
N TRP A 150 -16.32 5.44 -1.24
CA TRP A 150 -17.38 5.91 -2.11
C TRP A 150 -18.56 4.96 -1.97
N PRO A 151 -19.75 5.35 -2.51
CA PRO A 151 -20.90 4.44 -2.44
C PRO A 151 -20.67 3.17 -3.18
N ARG A 152 -21.40 2.10 -2.76
CA ARG A 152 -21.40 0.85 -3.37
CA ARG A 152 -21.33 0.84 -3.38
C ARG A 152 -21.58 0.96 -4.90
N GLU A 153 -22.52 1.80 -5.31
CA GLU A 153 -22.82 1.95 -6.73
CA GLU A 153 -22.81 1.93 -6.69
C GLU A 153 -21.60 2.36 -7.52
N TYR A 154 -20.75 3.21 -6.92
CA TYR A 154 -19.52 3.64 -7.64
C TYR A 154 -18.59 2.46 -7.81
N TYR A 155 -18.37 1.73 -6.70
CA TYR A 155 -17.52 0.54 -6.78
C TYR A 155 -18.04 -0.49 -7.79
N GLU A 156 -19.37 -0.64 -7.88
CA GLU A 156 -19.96 -1.54 -8.85
CA GLU A 156 -19.96 -1.54 -8.85
C GLU A 156 -19.70 -1.07 -10.30
N LYS A 157 -19.90 0.22 -10.53
CA LYS A 157 -19.65 0.77 -11.86
C LYS A 157 -18.21 0.54 -12.27
N TRP A 158 -17.26 0.74 -11.34
CA TRP A 158 -15.85 0.59 -11.68
C TRP A 158 -15.45 -0.83 -11.95
N LYS A 159 -16.11 -1.75 -11.22
CA LYS A 159 -15.89 -3.19 -11.46
C LYS A 159 -16.46 -3.57 -12.86
N GLU A 160 -17.63 -3.07 -13.20
CA GLU A 160 -18.19 -3.33 -14.54
C GLU A 160 -17.32 -2.74 -15.61
N ALA A 161 -16.66 -1.58 -15.37
CA ALA A 161 -15.79 -0.94 -16.28
C ALA A 161 -14.48 -1.73 -16.53
N GLY A 162 -14.20 -2.64 -15.65
CA GLY A 162 -13.06 -3.53 -15.80
C GLY A 162 -11.98 -3.46 -14.71
N ALA A 163 -12.17 -2.66 -13.66
CA ALA A 163 -11.16 -2.62 -12.64
C ALA A 163 -10.94 -3.99 -11.97
N ASP A 164 -9.73 -4.34 -11.69
CA ASP A 164 -9.37 -5.63 -11.15
C ASP A 164 -9.19 -5.62 -9.63
N ARG A 165 -8.61 -4.55 -9.08
CA ARG A 165 -8.19 -4.51 -7.71
C ARG A 165 -8.53 -3.14 -7.12
N TYR A 166 -8.59 -3.11 -5.77
CA TYR A 166 -8.83 -1.86 -5.09
C TYR A 166 -8.03 -1.83 -3.82
N LEU A 167 -7.27 -0.76 -3.60
CA LEU A 167 -6.48 -0.56 -2.39
C LEU A 167 -7.19 0.41 -1.48
N LEU A 168 -7.50 -0.02 -0.26
CA LEU A 168 -8.16 0.85 0.71
C LEU A 168 -7.58 0.48 2.08
N ARG A 169 -6.44 1.08 2.38
CA ARG A 169 -5.81 0.76 3.66
C ARG A 169 -6.79 0.95 4.79
N HIS A 170 -6.83 0.06 5.77
CA HIS A 170 -7.76 0.24 6.88
C HIS A 170 -7.20 1.28 7.91
N GLU A 171 -5.93 1.63 7.81
CA GLU A 171 -5.24 2.69 8.51
C GLU A 171 -4.90 2.34 10.00
N THR A 172 -5.97 2.05 10.72
CA THR A 172 -5.91 1.54 12.11
C THR A 172 -7.18 0.78 12.38
N ALA A 173 -7.01 -0.38 13.00
CA ALA A 173 -8.17 -1.20 13.39
C ALA A 173 -8.70 -0.82 14.78
N ASN A 174 -8.16 0.19 15.39
CA ASN A 174 -8.72 0.73 16.69
C ASN A 174 -9.80 1.73 16.27
N PRO A 175 -11.09 1.46 16.52
CA PRO A 175 -12.15 2.36 16.06
C PRO A 175 -12.07 3.74 16.65
N VAL A 176 -11.62 3.81 17.91
CA VAL A 176 -11.54 5.07 18.55
C VAL A 176 -10.48 5.98 17.94
N LEU A 177 -9.27 5.38 17.80
CA LEU A 177 -8.18 6.10 17.16
C LEU A 177 -8.52 6.49 15.68
N HIS A 178 -9.20 5.55 15.02
CA HIS A 178 -9.60 5.75 13.61
C HIS A 178 -10.46 7.02 13.46
N ARG A 179 -11.49 7.12 14.32
CA ARG A 179 -12.41 8.26 14.24
C ARG A 179 -11.71 9.56 14.60
N LYS A 180 -10.79 9.54 15.53
CA LYS A 180 -10.05 10.71 15.87
C LYS A 180 -9.17 11.23 14.73
N LEU A 181 -8.49 10.30 14.05
CA LEU A 181 -7.58 10.66 12.98
C LEU A 181 -8.29 10.92 11.66
N ARG A 182 -9.51 10.40 11.50
CA ARG A 182 -10.21 10.45 10.24
C ARG A 182 -11.66 10.95 10.56
N PRO A 183 -11.80 12.24 10.86
CA PRO A 183 -13.02 12.73 11.50
C PRO A 183 -14.20 12.82 10.59
N ASP A 184 -14.04 12.60 9.29
CA ASP A 184 -15.13 12.54 8.34
C ASP A 184 -15.86 11.21 8.32
N THR A 185 -15.24 10.17 8.94
CA THR A 185 -15.69 8.83 8.71
C THR A 185 -15.41 7.95 9.96
N SER A 186 -15.32 6.66 9.75
CA SER A 186 -15.19 5.71 10.87
C SER A 186 -14.56 4.45 10.40
N PHE A 187 -14.07 3.64 11.34
CA PHE A 187 -13.59 2.33 11.03
C PHE A 187 -14.69 1.49 10.48
N GLU A 188 -15.94 1.61 11.06
CA GLU A 188 -17.06 0.83 10.55
C GLU A 188 -17.29 1.07 9.03
N ASN A 189 -17.30 2.38 8.66
N ASN A 189 -17.29 2.37 8.67
CA ASN A 189 -17.44 2.72 7.27
CA ASN A 189 -17.43 2.65 7.27
C ASN A 189 -16.30 2.13 6.40
C ASN A 189 -16.29 2.13 6.39
N ARG A 190 -15.08 2.25 6.88
CA ARG A 190 -13.92 1.74 6.14
C ARG A 190 -14.01 0.24 5.91
N LEU A 191 -14.39 -0.47 7.00
CA LEU A 191 -14.57 -1.90 6.88
C LEU A 191 -15.70 -2.27 5.93
N ASN A 192 -16.83 -1.52 6.04
CA ASN A 192 -17.92 -1.80 5.13
C ASN A 192 -17.51 -1.63 3.64
N CYS A 193 -16.71 -0.59 3.39
CA CYS A 193 -16.15 -0.42 2.04
C CYS A 193 -15.28 -1.66 1.61
N LEU A 194 -14.39 -2.08 2.50
CA LEU A 194 -13.56 -3.22 2.22
C LEU A 194 -14.35 -4.50 1.95
N LEU A 195 -15.41 -4.72 2.77
CA LEU A 195 -16.30 -5.88 2.57
C LEU A 195 -17.04 -5.82 1.27
N THR A 196 -17.53 -4.60 0.91
CA THR A 196 -18.23 -4.39 -0.34
C THR A 196 -17.31 -4.71 -1.49
N LEU A 197 -16.06 -4.18 -1.41
CA LEU A 197 -15.11 -4.42 -2.50
C LEU A 197 -14.87 -5.95 -2.71
N LYS A 198 -14.69 -6.65 -1.57
N LYS A 198 -14.65 -6.68 -1.60
CA LYS A 198 -14.50 -8.14 -1.61
CA LYS A 198 -14.46 -8.11 -1.71
C LYS A 198 -15.74 -8.82 -2.26
C LYS A 198 -15.72 -8.78 -2.31
N GLU A 199 -16.94 -8.38 -1.87
CA GLU A 199 -18.19 -8.99 -2.44
C GLU A 199 -18.35 -8.78 -3.92
N LEU A 200 -17.84 -7.61 -4.40
CA LEU A 200 -17.97 -7.28 -5.78
C LEU A 200 -16.91 -8.00 -6.65
N GLY A 201 -15.99 -8.71 -6.03
CA GLY A 201 -15.00 -9.52 -6.72
C GLY A 201 -13.67 -8.83 -6.99
N TYR A 202 -13.43 -7.65 -6.37
CA TYR A 202 -12.10 -7.04 -6.44
C TYR A 202 -11.10 -7.88 -5.70
N GLU A 203 -9.87 -7.96 -6.19
CA GLU A 203 -8.73 -8.23 -5.30
CA GLU A 203 -8.73 -8.23 -5.29
C GLU A 203 -8.58 -7.01 -4.41
N THR A 204 -8.61 -7.20 -3.11
N THR A 204 -8.61 -7.20 -3.09
CA THR A 204 -8.74 -6.13 -2.14
CA THR A 204 -8.74 -6.08 -2.17
C THR A 204 -7.57 -5.95 -1.30
C THR A 204 -7.55 -5.94 -1.29
N GLY A 205 -7.06 -4.73 -1.15
CA GLY A 205 -5.97 -4.44 -0.33
C GLY A 205 -6.29 -3.60 0.86
N ALA A 206 -5.75 -3.95 2.00
CA ALA A 206 -5.89 -3.20 3.23
C ALA A 206 -4.53 -2.81 3.75
N GLY A 207 -4.32 -2.56 5.03
CA GLY A 207 -3.08 -2.20 5.56
C GLY A 207 -3.13 -1.00 6.44
N SER A 208 -2.07 -0.67 7.10
CA SER A 208 -2.05 0.30 8.20
C SER A 208 -0.80 1.03 8.28
N MET A 209 -0.88 2.13 8.99
CA MET A 209 0.34 2.92 9.32
C MET A 209 0.84 2.48 10.70
N VAL A 210 2.12 2.56 10.90
CA VAL A 210 2.80 2.20 12.10
C VAL A 210 3.42 3.41 12.72
N GLY A 211 3.13 3.65 14.01
CA GLY A 211 3.71 4.75 14.74
C GLY A 211 2.80 5.99 14.73
N LEU A 212 1.50 5.77 14.46
CA LEU A 212 0.53 6.87 14.61
C LEU A 212 0.55 7.40 16.04
N PRO A 213 0.31 8.71 16.24
CA PRO A 213 0.21 9.21 17.60
C PRO A 213 -0.96 8.52 18.35
N GLY A 214 -0.68 8.02 19.55
CA GLY A 214 -1.62 7.29 20.31
C GLY A 214 -1.83 5.84 20.05
N GLN A 215 -1.11 5.30 19.05
CA GLN A 215 -1.25 3.91 18.70
C GLN A 215 -0.30 3.09 19.59
N THR A 216 -0.77 1.99 20.09
CA THR A 216 0.00 1.12 20.98
C THR A 216 0.47 -0.14 20.28
N ILE A 217 1.31 -0.90 20.97
CA ILE A 217 1.68 -2.24 20.49
C ILE A 217 0.47 -3.15 20.40
N ASP A 218 -0.49 -3.08 21.40
CA ASP A 218 -1.70 -3.90 21.26
C ASP A 218 -2.54 -3.49 20.01
N ASP A 219 -2.51 -2.22 19.70
CA ASP A 219 -3.16 -1.83 18.45
C ASP A 219 -2.56 -2.47 17.20
N LEU A 220 -1.24 -2.56 17.20
CA LEU A 220 -0.54 -3.20 16.07
C LEU A 220 -0.91 -4.68 15.98
N VAL A 221 -0.99 -5.35 17.18
CA VAL A 221 -1.44 -6.70 17.18
C VAL A 221 -2.83 -6.88 16.58
N ASP A 222 -3.74 -5.94 16.98
CA ASP A 222 -5.08 -5.95 16.42
C ASP A 222 -5.10 -5.71 14.92
N ASP A 223 -4.14 -4.88 14.40
CA ASP A 223 -4.01 -4.71 12.91
C ASP A 223 -3.66 -6.05 12.30
N LEU A 224 -2.69 -6.78 12.86
CA LEU A 224 -2.30 -8.08 12.27
C LEU A 224 -3.45 -9.05 12.30
N LEU A 225 -4.22 -9.11 13.43
CA LEU A 225 -5.34 -10.03 13.53
C LEU A 225 -6.49 -9.71 12.61
N PHE A 226 -6.68 -8.39 12.42
CA PHE A 226 -7.67 -7.93 11.45
C PHE A 226 -7.36 -8.37 10.02
N LEU A 227 -6.10 -8.19 9.65
CA LEU A 227 -5.61 -8.59 8.36
C LEU A 227 -5.75 -10.08 8.14
N LYS A 228 -5.41 -10.86 9.18
CA LYS A 228 -5.49 -12.32 9.06
C LYS A 228 -6.97 -12.70 8.97
N GLU A 229 -7.87 -12.09 9.73
CA GLU A 229 -9.26 -12.47 9.74
C GLU A 229 -9.91 -12.35 8.38
N HIS A 230 -9.59 -11.24 7.69
CA HIS A 230 -10.25 -10.98 6.38
C HIS A 230 -9.47 -11.46 5.21
N ASP A 231 -8.28 -11.96 5.40
CA ASP A 231 -7.59 -12.65 4.34
C ASP A 231 -7.40 -11.76 3.09
N PHE A 232 -6.92 -10.58 3.28
CA PHE A 232 -6.77 -9.65 2.19
C PHE A 232 -5.76 -10.14 1.16
N ASP A 233 -6.04 -9.74 -0.08
CA ASP A 233 -5.15 -10.09 -1.20
C ASP A 233 -3.87 -9.33 -1.17
N MET A 234 -3.93 -8.08 -0.73
CA MET A 234 -2.76 -7.19 -0.63
CA MET A 234 -2.77 -7.20 -0.64
C MET A 234 -2.78 -6.50 0.70
N VAL A 235 -1.60 -6.20 1.21
CA VAL A 235 -1.47 -5.51 2.46
C VAL A 235 -0.38 -4.44 2.34
N GLY A 236 -0.75 -3.17 2.45
CA GLY A 236 0.20 -2.07 2.38
C GLY A 236 0.47 -1.49 3.74
N ILE A 237 1.75 -1.53 4.14
CA ILE A 237 2.16 -1.09 5.49
C ILE A 237 3.29 -0.10 5.32
N GLY A 238 3.23 0.99 6.07
CA GLY A 238 4.38 1.86 6.13
C GLY A 238 4.33 2.65 7.45
N PRO A 239 5.38 3.37 7.71
CA PRO A 239 5.46 4.20 8.90
C PRO A 239 4.65 5.48 8.71
N PHE A 240 4.16 6.00 9.83
CA PHE A 240 3.62 7.36 9.87
C PHE A 240 4.77 8.35 9.75
N ILE A 241 4.64 9.31 8.82
CA ILE A 241 5.64 10.34 8.64
C ILE A 241 4.92 11.72 8.80
N PRO A 242 5.28 12.48 9.87
CA PRO A 242 4.54 13.71 10.08
CA PRO A 242 4.58 13.73 10.09
C PRO A 242 4.75 14.71 8.98
N HIS A 243 3.64 15.41 8.66
CA HIS A 243 3.66 16.42 7.63
C HIS A 243 3.48 17.81 8.27
N PRO A 244 4.32 18.75 7.86
CA PRO A 244 4.35 20.08 8.58
C PRO A 244 3.10 20.87 8.43
N ASP A 245 2.25 20.63 7.43
CA ASP A 245 1.02 21.37 7.24
C ASP A 245 -0.21 20.65 7.72
N THR A 246 -0.04 19.84 8.78
CA THR A 246 -1.09 19.06 9.36
C THR A 246 -1.11 19.24 10.89
N PRO A 247 -2.16 18.84 11.52
CA PRO A 247 -2.21 18.89 13.01
C PRO A 247 -1.20 18.02 13.64
N LEU A 248 -0.66 17.02 12.95
CA LEU A 248 0.27 16.04 13.53
C LEU A 248 1.70 16.41 13.24
N ALA A 249 1.99 17.62 12.80
CA ALA A 249 3.29 18.09 12.40
C ALA A 249 4.39 17.81 13.42
N ASN A 250 4.03 17.93 14.70
CA ASN A 250 5.04 17.82 15.77
C ASN A 250 5.09 16.49 16.42
N GLU A 251 4.44 15.47 15.84
CA GLU A 251 4.42 14.14 16.42
C GLU A 251 5.67 13.36 15.94
N LYS A 252 5.98 12.28 16.64
CA LYS A 252 7.17 11.45 16.24
C LYS A 252 6.86 10.58 15.01
N LYS A 253 7.84 10.42 14.15
CA LYS A 253 7.74 9.50 13.03
C LYS A 253 7.68 8.07 13.55
N GLY A 254 7.06 7.21 12.76
CA GLY A 254 7.05 5.82 13.06
C GLY A 254 8.48 5.18 12.92
N ASP A 255 8.67 4.17 13.73
CA ASP A 255 9.97 3.49 13.73
C ASP A 255 10.09 2.50 12.53
N PHE A 256 11.19 2.63 11.81
CA PHE A 256 11.39 1.74 10.66
C PHE A 256 11.42 0.28 11.02
N THR A 257 12.19 -0.09 12.06
CA THR A 257 12.35 -1.46 12.44
C THR A 257 11.03 -2.12 12.87
N LEU A 258 10.22 -1.34 13.67
CA LEU A 258 8.96 -1.88 14.09
C LEU A 258 8.04 -2.11 12.87
N THR A 259 8.08 -1.13 11.94
CA THR A 259 7.27 -1.20 10.71
C THR A 259 7.69 -2.48 9.89
N LEU A 260 9.01 -2.66 9.81
CA LEU A 260 9.53 -3.85 9.11
C LEU A 260 9.07 -5.15 9.75
N LYS A 261 9.01 -5.17 11.10
CA LYS A 261 8.45 -6.31 11.78
C LYS A 261 7.01 -6.56 11.47
N MET A 262 6.24 -5.49 11.29
CA MET A 262 4.85 -5.62 10.87
C MET A 262 4.76 -6.25 9.49
N VAL A 263 5.63 -5.81 8.56
CA VAL A 263 5.66 -6.45 7.19
C VAL A 263 6.00 -7.93 7.30
N ALA A 264 7.03 -8.23 8.12
CA ALA A 264 7.46 -9.63 8.27
C ALA A 264 6.34 -10.49 8.83
N LEU A 265 5.69 -9.98 9.90
CA LEU A 265 4.59 -10.75 10.48
C LEU A 265 3.41 -10.92 9.58
N THR A 266 3.14 -9.88 8.75
CA THR A 266 2.08 -9.97 7.73
C THR A 266 2.36 -11.11 6.76
N ARG A 267 3.62 -11.18 6.29
CA ARG A 267 3.95 -12.30 5.38
C ARG A 267 3.79 -13.66 6.07
N ILE A 268 4.23 -13.73 7.33
CA ILE A 268 4.08 -15.02 8.08
C ILE A 268 2.63 -15.40 8.21
N LEU A 269 1.78 -14.40 8.51
CA LEU A 269 0.37 -14.64 8.70
C LEU A 269 -0.41 -14.94 7.42
N LEU A 270 -0.01 -14.26 6.33
CA LEU A 270 -0.70 -14.30 5.03
C LEU A 270 0.34 -14.68 3.99
N PRO A 271 0.79 -15.95 3.97
CA PRO A 271 1.95 -16.27 3.20
C PRO A 271 1.83 -16.15 1.73
N ASP A 272 0.62 -16.20 1.18
CA ASP A 272 0.37 -16.09 -0.25
C ASP A 272 -0.12 -14.73 -0.67
N SER A 273 -0.03 -13.72 0.18
CA SER A 273 -0.52 -12.40 -0.18
C SER A 273 0.51 -11.60 -0.97
N ASN A 274 0.03 -10.51 -1.56
CA ASN A 274 0.90 -9.52 -2.21
C ASN A 274 1.17 -8.38 -1.26
N ILE A 275 2.42 -8.09 -1.00
CA ILE A 275 2.82 -7.14 0.04
C ILE A 275 3.84 -6.18 -0.58
N PRO A 276 3.51 -4.89 -0.72
CA PRO A 276 4.48 -3.96 -1.25
CA PRO A 276 4.50 -3.98 -1.27
C PRO A 276 5.54 -3.55 -0.28
N ALA A 277 6.70 -3.17 -0.82
CA ALA A 277 7.73 -2.42 -0.16
C ALA A 277 7.42 -0.96 -0.45
N THR A 278 6.76 -0.25 0.51
CA THR A 278 6.15 1.02 0.20
C THR A 278 7.13 2.13 0.11
N THR A 279 6.74 3.17 -0.67
CA THR A 279 7.58 4.37 -0.78
C THR A 279 7.86 5.00 0.57
N ALA A 280 6.92 4.97 1.49
CA ALA A 280 7.20 5.53 2.81
C ALA A 280 8.36 4.84 3.48
N MET A 281 8.50 3.50 3.30
CA MET A 281 9.67 2.79 3.85
C MET A 281 10.96 3.30 3.25
N GLY A 282 10.96 3.62 1.98
CA GLY A 282 12.16 4.18 1.35
C GLY A 282 12.42 5.62 1.65
N THR A 283 11.42 6.33 2.16
CA THR A 283 11.56 7.71 2.59
C THR A 283 12.17 7.83 3.94
N ILE A 284 11.75 6.98 4.88
N ILE A 284 11.76 7.01 4.90
CA ILE A 284 12.31 7.13 6.20
CA ILE A 284 12.26 7.08 6.24
C ILE A 284 13.71 6.65 6.37
C ILE A 284 13.68 6.56 6.42
N VAL A 285 14.13 5.63 5.57
CA VAL A 285 15.47 5.13 5.61
C VAL A 285 15.96 4.96 4.22
N PRO A 286 17.17 5.47 3.89
CA PRO A 286 17.74 5.23 2.55
C PRO A 286 17.90 3.74 2.34
N GLY A 287 17.37 3.28 1.19
CA GLY A 287 17.37 1.85 0.92
C GLY A 287 16.31 1.05 1.64
N GLY A 288 15.31 1.73 2.20
CA GLY A 288 14.29 1.03 2.96
C GLY A 288 13.41 0.10 2.16
N ARG A 289 13.13 0.42 0.88
CA ARG A 289 12.31 -0.52 0.06
C ARG A 289 13.06 -1.82 -0.15
N GLU A 290 14.35 -1.72 -0.46
CA GLU A 290 15.15 -2.89 -0.70
C GLU A 290 15.22 -3.78 0.50
N ILE A 291 15.40 -3.20 1.70
CA ILE A 291 15.32 -3.98 2.93
C ILE A 291 13.98 -4.71 3.03
N THR A 292 12.91 -3.96 2.78
CA THR A 292 11.57 -4.52 2.96
C THR A 292 11.28 -5.68 2.02
N LEU A 293 11.79 -5.57 0.76
CA LEU A 293 11.70 -6.67 -0.20
C LEU A 293 12.44 -7.90 0.25
N ARG A 294 13.37 -7.79 1.21
CA ARG A 294 14.09 -8.92 1.77
C ARG A 294 13.56 -9.37 3.11
N CYS A 295 12.45 -8.83 3.58
CA CYS A 295 11.86 -9.16 4.84
C CYS A 295 10.37 -9.50 4.70
N GLY A 296 9.96 -9.91 3.49
CA GLY A 296 8.62 -10.39 3.28
C GLY A 296 7.88 -9.77 2.12
N ALA A 297 8.29 -8.61 1.64
CA ALA A 297 7.57 -7.98 0.54
C ALA A 297 7.92 -8.57 -0.82
N ASN A 298 7.00 -8.46 -1.75
CA ASN A 298 7.13 -8.98 -3.09
C ASN A 298 6.58 -8.10 -4.19
N VAL A 299 6.25 -6.85 -3.87
CA VAL A 299 5.67 -5.90 -4.83
C VAL A 299 6.40 -4.55 -4.65
N ILE A 300 6.53 -3.84 -5.74
CA ILE A 300 7.05 -2.49 -5.69
C ILE A 300 6.18 -1.62 -6.57
N MET A 301 6.01 -0.35 -6.18
CA MET A 301 5.12 0.56 -6.84
CA MET A 301 5.12 0.56 -6.84
C MET A 301 5.89 1.83 -7.31
N PRO A 302 6.57 1.77 -8.43
CA PRO A 302 7.30 2.96 -8.91
C PRO A 302 6.29 4.10 -9.20
N ASN A 303 6.72 5.30 -8.87
N ASN A 303 6.73 5.30 -8.84
CA ASN A 303 5.86 6.45 -9.12
CA ASN A 303 5.91 6.48 -9.05
C ASN A 303 5.91 6.82 -10.60
C ASN A 303 5.95 6.84 -10.55
N TRP A 304 4.75 6.91 -11.16
CA TRP A 304 4.61 7.24 -12.57
C TRP A 304 3.83 8.54 -12.74
N THR A 305 3.66 9.33 -11.72
CA THR A 305 2.95 10.61 -11.87
C THR A 305 3.89 11.54 -12.65
N PRO A 306 3.32 12.23 -13.67
CA PRO A 306 4.20 13.12 -14.46
C PRO A 306 4.53 14.36 -13.74
N SER A 307 5.67 14.97 -14.09
CA SER A 307 5.93 16.39 -13.77
C SER A 307 4.90 17.20 -14.59
N PRO A 308 4.41 18.33 -14.04
CA PRO A 308 4.85 19.02 -12.86
C PRO A 308 4.06 18.68 -11.65
N TYR A 309 3.22 17.63 -11.74
CA TYR A 309 2.26 17.22 -10.68
C TYR A 309 2.89 16.38 -9.60
N ARG A 310 3.88 15.55 -9.97
CA ARG A 310 4.44 14.62 -9.02
C ARG A 310 4.80 15.25 -7.72
N GLN A 311 5.48 16.43 -7.80
CA GLN A 311 5.97 17.07 -6.58
C GLN A 311 4.89 17.70 -5.70
N LEU A 312 3.64 17.73 -6.20
CA LEU A 312 2.48 18.24 -5.48
C LEU A 312 1.68 17.17 -4.75
N TYR A 313 2.04 15.91 -4.91
CA TYR A 313 1.31 14.83 -4.29
C TYR A 313 2.12 14.38 -3.09
N GLN A 314 1.98 15.23 -2.09
N GLN A 314 2.22 15.19 -2.09
CA GLN A 314 2.74 15.27 -0.86
CA GLN A 314 3.08 14.68 -0.98
C GLN A 314 2.02 14.70 0.34
C GLN A 314 2.21 14.60 0.28
N LEU A 315 1.77 13.37 0.47
CA LEU A 315 1.06 12.91 1.66
C LEU A 315 1.85 13.15 2.90
N TYR A 316 3.17 13.01 2.73
CA TYR A 316 4.19 13.21 3.74
C TYR A 316 5.36 13.82 3.07
N PRO A 317 6.20 14.50 3.81
CA PRO A 317 7.35 15.14 3.23
C PRO A 317 8.47 14.15 2.92
N GLY A 318 9.39 14.68 2.03
CA GLY A 318 10.63 14.02 1.74
C GLY A 318 10.45 12.89 0.84
N LYS A 319 9.32 12.77 0.17
CA LYS A 319 9.07 11.60 -0.65
C LYS A 319 10.11 11.44 -1.73
N ILE A 320 10.62 10.21 -1.90
CA ILE A 320 11.69 9.96 -2.90
C ILE A 320 11.00 9.95 -4.37
N SER A 321 11.86 9.93 -5.36
CA SER A 321 11.46 9.89 -6.77
C SER A 321 10.98 11.23 -7.37
N VAL A 322 11.17 12.32 -6.64
CA VAL A 322 10.73 13.63 -7.14
C VAL A 322 11.76 14.37 -7.92
N PHE A 323 13.02 14.21 -7.74
CA PHE A 323 13.96 14.99 -8.45
C PHE A 323 14.39 14.45 -9.86
N GLU A 324 14.16 13.23 -10.11
CA GLU A 324 14.56 12.55 -11.29
C GLU A 324 13.52 12.73 -12.43
N LYS A 325 13.94 12.43 -13.63
CA LYS A 325 13.01 12.48 -14.73
C LYS A 325 11.82 11.57 -14.41
N ASP A 326 10.65 11.88 -14.94
CA ASP A 326 9.41 11.22 -14.55
C ASP A 326 9.31 9.82 -15.20
N THR A 327 10.24 9.37 -16.05
CA THR A 327 10.30 8.06 -16.51
C THR A 327 11.41 7.19 -15.89
N ALA A 328 12.06 7.74 -14.91
CA ALA A 328 13.18 7.04 -14.27
C ALA A 328 12.74 5.85 -13.38
N SER A 329 11.53 5.90 -12.83
CA SER A 329 11.20 4.97 -11.74
C SER A 329 11.08 3.53 -12.19
N ILE A 330 10.49 3.25 -13.36
CA ILE A 330 10.34 1.86 -13.82
C ILE A 330 11.74 1.27 -14.08
N PRO A 331 12.61 1.94 -14.85
CA PRO A 331 13.97 1.41 -15.00
C PRO A 331 14.69 1.25 -13.68
N SER A 332 14.50 2.20 -12.77
N SER A 332 14.55 2.21 -12.75
CA SER A 332 15.18 2.09 -11.49
CA SER A 332 15.23 2.11 -11.47
C SER A 332 14.75 0.86 -10.71
C SER A 332 14.79 0.88 -10.67
N VAL A 333 13.46 0.54 -10.70
CA VAL A 333 13.01 -0.63 -9.99
C VAL A 333 13.43 -1.89 -10.70
N MET A 334 13.56 -1.89 -12.02
CA MET A 334 14.09 -3.06 -12.66
CA MET A 334 14.12 -3.03 -12.77
C MET A 334 15.54 -3.34 -12.29
N LYS A 335 16.32 -2.29 -12.18
CA LYS A 335 17.71 -2.44 -11.67
C LYS A 335 17.68 -2.95 -10.25
N MET A 336 16.79 -2.41 -9.39
CA MET A 336 16.67 -2.85 -8.03
C MET A 336 16.42 -4.36 -7.95
N ILE A 337 15.43 -4.78 -8.70
CA ILE A 337 15.04 -6.17 -8.71
C ILE A 337 16.24 -7.07 -9.09
N GLU A 338 16.99 -6.67 -10.09
CA GLU A 338 18.18 -7.45 -10.48
C GLU A 338 19.22 -7.47 -9.40
N LEU A 339 19.54 -6.32 -8.81
CA LEU A 339 20.62 -6.32 -7.78
C LEU A 339 20.22 -7.00 -6.54
N LEU A 340 18.93 -7.21 -6.30
CA LEU A 340 18.45 -8.02 -5.22
C LEU A 340 18.46 -9.50 -5.55
N GLY A 341 18.82 -9.90 -6.74
CA GLY A 341 18.79 -11.30 -7.11
C GLY A 341 17.40 -11.83 -7.32
N ARG A 342 16.49 -10.96 -7.71
CA ARG A 342 15.10 -11.29 -7.93
C ARG A 342 14.73 -11.18 -9.40
N LYS A 343 13.49 -11.39 -9.78
CA LYS A 343 13.05 -11.41 -11.15
C LYS A 343 11.85 -10.54 -11.32
N PRO A 344 11.59 -9.82 -12.48
CA PRO A 344 10.34 -9.01 -12.58
C PRO A 344 9.15 -10.03 -12.82
N GLY A 345 8.01 -9.65 -12.40
CA GLY A 345 6.83 -10.39 -12.65
C GLY A 345 6.57 -10.59 -14.11
N ARG A 346 6.08 -11.78 -14.43
CA ARG A 346 5.83 -12.21 -15.81
C ARG A 346 4.39 -12.01 -16.28
N ASP A 347 3.49 -11.91 -15.38
CA ASP A 347 2.06 -11.82 -15.63
C ASP A 347 1.52 -10.64 -14.81
N TRP A 348 0.23 -10.54 -14.59
CA TRP A 348 -0.28 -9.40 -13.85
C TRP A 348 0.02 -9.46 -12.36
N GLY A 349 0.54 -10.56 -11.86
CA GLY A 349 0.82 -10.61 -10.46
C GLY A 349 -0.39 -10.62 -9.58
N GLY A 350 -1.49 -11.24 -9.97
CA GLY A 350 -2.62 -11.43 -9.13
C GLY A 350 -2.30 -12.40 -8.01
N ARG A 351 -3.09 -12.42 -7.00
CA ARG A 351 -2.87 -13.31 -5.88
C ARG A 351 -3.00 -14.81 -6.35
N LYS A 352 -2.07 -15.62 -5.97
CA LYS A 352 -2.05 -17.09 -6.34
C LYS A 352 -2.19 -17.84 -5.05
N ARG A 353 -3.44 -18.13 -4.68
CA ARG A 353 -3.68 -18.72 -3.40
C ARG A 353 -3.13 -20.13 -3.29
N VAL A 354 -2.51 -20.38 -2.14
CA VAL A 354 -2.02 -21.70 -1.75
C VAL A 354 -2.95 -22.13 -0.64
N PHE A 355 -3.89 -23.04 -0.93
CA PHE A 355 -4.86 -23.51 0.07
C PHE A 355 -4.12 -24.44 1.03
N GLU A 356 -4.30 -24.23 2.29
CA GLU A 356 -3.64 -25.09 3.25
C GLU A 356 -4.49 -25.40 4.39
N THR A 357 -3.92 -25.80 5.49
CA THR A 357 -4.67 -26.25 6.70
C THR A 357 -4.38 -25.11 7.78
#